data_1KYT
#
_entry.id   1KYT
#
_cell.length_a   88.526
_cell.length_b   99.316
_cell.length_c   113.886
_cell.angle_alpha   90.00
_cell.angle_beta   90.00
_cell.angle_gamma   90.00
#
_symmetry.space_group_name_H-M   'I 2 2 2'
#
loop_
_entity.id
_entity.type
_entity.pdbx_description
1 polymer 'hypothetical protein TA0175'
2 non-polymer 'CALCIUM ION'
3 water water
#
_entity_poly.entity_id   1
_entity_poly.type   'polypeptide(L)'
_entity_poly.pdbx_seq_one_letter_code
;GSH(MSE)IRLAAIDVDGNLTDRDRLISTKAIESIRSAEKKGLTVSLLSGNVIPVVYALKIFLGINGPVFGENGGI
(MSE)FDNDGSIKKFFSNEGTNKFLEE(MSE)SKRTS(MSE)RSILTNRWREASTGFDIDPEDVDYVRKEAESRGFVIFY
SGYSWHL(MSE)NRGEDKAFAVNKLKE(MSE)YSLEYDEILVIGDSNND(MSE)P(MSE)FQLPVRKACPANATDNIKAV
SDFVSDYSYGEEIGQIFKHFEL(MSE)
;
_entity_poly.pdbx_strand_id   A,B
#
loop_
_chem_comp.id
_chem_comp.type
_chem_comp.name
_chem_comp.formula
CA non-polymer 'CALCIUM ION' 'Ca 2'
#
# COMPACT_ATOMS: atom_id res chain seq x y z
N HIS A 3 -1.56 22.26 5.66
CA HIS A 3 -0.75 21.53 6.67
C HIS A 3 0.75 21.82 6.57
N MSE A 4 1.35 22.20 7.69
CA MSE A 4 2.77 22.47 7.70
C MSE A 4 3.47 21.13 7.88
O MSE A 4 3.05 20.30 8.70
CB MSE A 4 3.10 23.40 8.85
CG MSE A 4 2.23 24.65 8.85
SE MSE A 4 2.97 26.06 9.95
CE MSE A 4 2.87 25.20 11.68
N ILE A 5 4.52 20.90 7.11
CA ILE A 5 5.28 19.66 7.17
C ILE A 5 6.02 19.59 8.50
N ARG A 6 5.86 18.47 9.20
N ARG A 6 5.86 18.48 9.21
CA ARG A 6 6.54 18.29 10.49
CA ARG A 6 6.54 18.28 10.49
C ARG A 6 7.59 17.19 10.36
C ARG A 6 7.59 17.18 10.39
N LEU A 7 7.37 16.23 9.48
CA LEU A 7 8.31 15.14 9.29
C LEU A 7 8.55 14.81 7.82
N ALA A 8 9.78 14.44 7.50
CA ALA A 8 10.17 14.06 6.14
C ALA A 8 10.77 12.66 6.17
N ALA A 9 10.25 11.78 5.34
CA ALA A 9 10.74 10.41 5.27
C ALA A 9 11.51 10.31 3.97
N ILE A 10 12.82 10.07 4.05
CA ILE A 10 13.66 10.05 2.85
C ILE A 10 14.31 8.71 2.49
N ASP A 11 14.25 8.37 1.20
CA ASP A 11 14.86 7.14 0.69
C ASP A 11 16.35 7.45 0.57
N VAL A 12 17.16 6.78 1.38
CA VAL A 12 18.60 7.01 1.38
C VAL A 12 19.29 6.75 0.04
N ASP A 13 19.20 5.54 -0.45
CA ASP A 13 19.86 5.17 -1.71
C ASP A 13 19.30 5.86 -2.95
N GLY A 14 18.01 6.13 -2.97
CA GLY A 14 17.45 6.79 -4.12
C GLY A 14 17.67 8.28 -4.15
N ASN A 15 17.72 8.92 -3.00
CA ASN A 15 17.83 10.38 -3.02
C ASN A 15 18.98 11.10 -2.35
N LEU A 16 19.74 10.41 -1.51
CA LEU A 16 20.83 11.07 -0.81
C LEU A 16 22.22 10.82 -1.36
N THR A 17 22.30 10.11 -2.49
CA THR A 17 23.61 9.74 -3.03
C THR A 17 23.89 10.27 -4.41
N ASP A 18 25.15 10.24 -4.82
CA ASP A 18 25.48 10.73 -6.14
C ASP A 18 25.59 9.57 -7.12
N ARG A 19 26.14 9.86 -8.29
N ARG A 19 26.11 9.85 -8.32
CA ARG A 19 26.30 8.88 -9.35
CA ARG A 19 26.26 8.82 -9.35
C ARG A 19 27.15 7.68 -8.92
C ARG A 19 27.11 7.63 -8.88
N ASP A 20 28.08 7.91 -8.02
CA ASP A 20 28.95 6.84 -7.53
C ASP A 20 28.46 6.23 -6.22
N ARG A 21 27.20 6.51 -5.89
CA ARG A 21 26.58 6.00 -4.67
C ARG A 21 27.17 6.56 -3.37
N LEU A 22 27.96 7.63 -3.48
CA LEU A 22 28.52 8.23 -2.28
C LEU A 22 27.50 9.19 -1.69
N ILE A 23 27.51 9.36 -0.38
CA ILE A 23 26.57 10.26 0.27
C ILE A 23 26.84 11.69 -0.22
N SER A 24 25.77 12.42 -0.52
CA SER A 24 25.87 13.81 -0.98
C SER A 24 26.05 14.76 0.21
N THR A 25 27.11 15.56 0.22
CA THR A 25 27.32 16.45 1.34
C THR A 25 26.36 17.63 1.38
N LYS A 26 25.91 18.10 0.21
CA LYS A 26 24.97 19.21 0.19
C LYS A 26 23.66 18.69 0.83
N ALA A 27 23.31 17.44 0.51
CA ALA A 27 22.10 16.84 1.08
C ALA A 27 22.21 16.77 2.60
N ILE A 28 23.38 16.37 3.09
CA ILE A 28 23.61 16.30 4.54
C ILE A 28 23.42 17.69 5.12
N GLU A 29 24.00 18.71 4.50
CA GLU A 29 23.85 20.07 5.04
C GLU A 29 22.40 20.56 4.98
N SER A 30 21.67 20.17 3.94
CA SER A 30 20.27 20.58 3.83
C SER A 30 19.48 19.92 4.96
N ILE A 31 19.77 18.67 5.25
CA ILE A 31 19.07 17.96 6.30
C ILE A 31 19.33 18.62 7.66
N ARG A 32 20.60 18.87 7.95
CA ARG A 32 20.96 19.48 9.21
C ARG A 32 20.29 20.85 9.33
N SER A 33 20.38 21.67 8.28
CA SER A 33 19.77 22.99 8.31
C SER A 33 18.27 22.93 8.57
N ALA A 34 17.60 21.99 7.92
CA ALA A 34 16.17 21.86 8.12
C ALA A 34 15.86 21.34 9.53
N GLU A 35 16.65 20.39 10.01
CA GLU A 35 16.38 19.87 11.35
C GLU A 35 16.54 20.97 12.39
N LYS A 36 17.51 21.87 12.17
CA LYS A 36 17.73 22.96 13.11
C LYS A 36 16.49 23.85 13.19
N LYS A 37 15.70 23.85 12.14
CA LYS A 37 14.49 24.67 12.14
C LYS A 37 13.22 23.96 12.60
N GLY A 38 13.37 22.79 13.22
CA GLY A 38 12.20 22.07 13.71
C GLY A 38 11.72 20.84 12.96
N LEU A 39 12.24 20.59 11.77
CA LEU A 39 11.82 19.41 10.99
C LEU A 39 12.38 18.10 11.56
N THR A 40 11.56 17.06 11.60
CA THR A 40 11.99 15.75 12.06
C THR A 40 12.28 14.95 10.78
N VAL A 41 13.44 14.31 10.73
CA VAL A 41 13.82 13.53 9.56
C VAL A 41 13.96 12.05 9.86
N SER A 42 13.45 11.23 8.94
CA SER A 42 13.58 9.78 9.06
C SER A 42 14.17 9.24 7.77
N LEU A 43 15.15 8.37 7.91
CA LEU A 43 15.80 7.78 6.76
C LEU A 43 15.31 6.35 6.59
N LEU A 44 15.11 5.95 5.35
CA LEU A 44 14.66 4.62 5.04
C LEU A 44 15.60 4.04 4.00
N SER A 45 15.96 2.78 4.17
CA SER A 45 16.88 2.13 3.25
C SER A 45 16.68 0.63 3.20
N GLY A 46 17.25 0.00 2.17
CA GLY A 46 17.17 -1.42 2.03
C GLY A 46 18.36 -2.06 2.70
N ASN A 47 19.32 -1.25 3.15
CA ASN A 47 20.51 -1.78 3.81
C ASN A 47 20.20 -2.20 5.26
N VAL A 48 21.16 -2.85 5.91
CA VAL A 48 20.98 -3.33 7.27
C VAL A 48 20.95 -2.24 8.34
N ILE A 49 20.30 -2.55 9.46
CA ILE A 49 20.15 -1.57 10.52
C ILE A 49 21.45 -0.96 11.06
N PRO A 50 22.53 -1.76 11.21
CA PRO A 50 23.71 -1.06 11.71
C PRO A 50 24.21 -0.04 10.67
N VAL A 51 23.94 -0.28 9.40
CA VAL A 51 24.38 0.69 8.40
C VAL A 51 23.57 1.99 8.47
N VAL A 52 22.25 1.89 8.57
CA VAL A 52 21.46 3.10 8.65
C VAL A 52 21.68 3.75 10.04
N TYR A 53 22.04 2.95 11.02
CA TYR A 53 22.32 3.47 12.36
C TYR A 53 23.52 4.41 12.27
N ALA A 54 24.51 3.98 11.50
CA ALA A 54 25.73 4.73 11.29
C ALA A 54 25.38 6.06 10.65
N LEU A 55 24.42 6.07 9.73
CA LEU A 55 24.06 7.32 9.08
C LEU A 55 23.38 8.22 10.08
N LYS A 56 22.56 7.63 10.95
CA LYS A 56 21.83 8.42 11.95
C LYS A 56 22.77 9.21 12.84
N ILE A 57 23.77 8.52 13.39
CA ILE A 57 24.72 9.15 14.31
C ILE A 57 25.75 10.06 13.63
N PHE A 58 26.22 9.72 12.45
CA PHE A 58 27.21 10.56 11.76
C PHE A 58 26.60 11.72 10.97
N LEU A 59 25.46 11.48 10.32
CA LEU A 59 24.82 12.53 9.56
C LEU A 59 24.05 13.44 10.52
N GLY A 60 23.51 12.86 11.57
CA GLY A 60 22.78 13.61 12.58
C GLY A 60 21.29 13.62 12.31
N ILE A 61 20.70 12.44 12.18
CA ILE A 61 19.28 12.31 11.89
C ILE A 61 18.55 12.31 13.23
N ASN A 62 17.54 13.16 13.40
CA ASN A 62 16.83 13.25 14.68
C ASN A 62 15.61 12.35 14.78
N GLY A 63 15.27 11.67 13.70
CA GLY A 63 14.12 10.80 13.76
C GLY A 63 14.56 9.35 13.71
N PRO A 64 13.63 8.39 13.76
CA PRO A 64 14.02 6.98 13.71
C PRO A 64 14.54 6.65 12.32
N VAL A 65 15.30 5.58 12.17
CA VAL A 65 15.74 5.21 10.84
C VAL A 65 15.36 3.76 10.59
N PHE A 66 15.07 3.43 9.34
CA PHE A 66 14.67 2.09 8.97
C PHE A 66 15.64 1.42 7.99
N GLY A 67 15.78 0.11 8.15
CA GLY A 67 16.62 -0.67 7.26
C GLY A 67 15.74 -1.78 6.72
N GLU A 68 16.27 -2.58 5.83
CA GLU A 68 15.53 -3.69 5.25
C GLU A 68 14.16 -3.27 4.73
N ASN A 69 14.15 -2.10 4.11
CA ASN A 69 12.98 -1.49 3.49
C ASN A 69 11.79 -1.21 4.40
N GLY A 70 12.05 -1.06 5.70
CA GLY A 70 10.97 -0.77 6.63
C GLY A 70 10.69 -1.89 7.63
N GLY A 71 11.37 -3.01 7.46
CA GLY A 71 11.18 -4.15 8.33
C GLY A 71 11.88 -4.09 9.68
N ILE A 72 12.84 -3.19 9.81
CA ILE A 72 13.58 -3.03 11.06
C ILE A 72 13.86 -1.55 11.26
N MSE A 73 13.76 -1.11 12.52
CA MSE A 73 13.94 0.29 12.83
C MSE A 73 14.79 0.55 14.06
O MSE A 73 14.76 -0.24 15.00
CB MSE A 73 12.54 0.91 13.03
CG MSE A 73 12.47 2.22 13.80
SE MSE A 73 10.66 2.83 14.24
CE MSE A 73 10.55 1.74 15.83
N PHE A 74 15.52 1.65 14.05
CA PHE A 74 16.32 2.04 15.21
C PHE A 74 15.59 3.24 15.78
N ASP A 75 15.19 3.09 17.04
CA ASP A 75 14.41 4.08 17.79
C ASP A 75 15.11 5.31 18.35
N ASN A 76 14.29 6.24 18.84
CA ASN A 76 14.76 7.47 19.44
C ASN A 76 15.26 7.21 20.86
N ASP A 77 14.94 6.03 21.39
CA ASP A 77 15.34 5.63 22.73
C ASP A 77 16.52 4.66 22.62
N GLY A 78 17.13 4.61 21.44
CA GLY A 78 18.28 3.75 21.25
C GLY A 78 18.05 2.26 21.17
N SER A 79 16.81 1.84 20.98
CA SER A 79 16.52 0.42 20.88
C SER A 79 16.25 0.03 19.44
N ILE A 80 16.29 -1.27 19.15
CA ILE A 80 16.02 -1.79 17.82
C ILE A 80 14.81 -2.69 17.85
N LYS A 81 13.90 -2.46 16.92
CA LYS A 81 12.69 -3.25 16.82
C LYS A 81 12.51 -3.71 15.39
N LYS A 82 12.19 -4.98 15.21
CA LYS A 82 11.94 -5.48 13.87
C LYS A 82 10.47 -5.91 13.87
N PHE A 83 9.88 -5.87 12.69
CA PHE A 83 8.46 -6.19 12.56
C PHE A 83 8.17 -7.41 11.69
N PHE A 84 9.24 -8.03 11.19
CA PHE A 84 9.16 -9.20 10.34
C PHE A 84 10.38 -10.07 10.59
N SER A 85 10.28 -11.36 10.30
CA SER A 85 11.38 -12.29 10.54
C SER A 85 12.00 -12.79 9.24
N ASN A 86 13.26 -13.19 9.30
CA ASN A 86 13.94 -13.64 8.11
C ASN A 86 14.07 -15.16 8.02
N GLU A 87 13.45 -15.87 8.95
N GLU A 87 13.46 -15.88 8.96
CA GLU A 87 13.53 -17.33 8.96
CA GLU A 87 13.56 -17.33 8.95
C GLU A 87 13.05 -17.94 7.64
C GLU A 87 13.04 -17.95 7.65
N GLY A 88 11.95 -17.40 7.11
CA GLY A 88 11.40 -17.92 5.86
C GLY A 88 12.14 -17.43 4.63
N THR A 89 12.41 -16.13 4.56
CA THR A 89 13.14 -15.64 3.40
C THR A 89 14.52 -16.32 3.33
N ASN A 90 15.18 -16.50 4.48
CA ASN A 90 16.49 -17.14 4.47
C ASN A 90 16.41 -18.57 3.93
N LYS A 91 15.34 -19.27 4.27
CA LYS A 91 15.14 -20.65 3.82
C LYS A 91 14.88 -20.70 2.32
N PHE A 92 14.16 -19.70 1.82
CA PHE A 92 13.85 -19.63 0.40
C PHE A 92 15.16 -19.46 -0.37
N LEU A 93 16.03 -18.60 0.14
CA LEU A 93 17.31 -18.38 -0.52
C LEU A 93 18.16 -19.67 -0.53
N GLU A 94 18.21 -20.34 0.61
CA GLU A 94 18.97 -21.59 0.72
C GLU A 94 18.54 -22.57 -0.37
N GLU A 95 17.23 -22.74 -0.53
CA GLU A 95 16.69 -23.66 -1.54
C GLU A 95 16.93 -23.22 -2.98
N MSE A 96 16.50 -22.01 -3.31
CA MSE A 96 16.66 -21.49 -4.66
C MSE A 96 18.11 -21.47 -5.13
O MSE A 96 18.37 -21.69 -6.30
CB MSE A 96 16.12 -20.06 -4.76
CG MSE A 96 14.61 -19.96 -4.85
SE MSE A 96 13.88 -20.93 -6.36
CE MSE A 96 13.31 -22.44 -5.36
N SER A 97 19.04 -21.21 -4.22
CA SER A 97 20.44 -21.15 -4.60
C SER A 97 20.95 -22.51 -5.05
N LYS A 98 20.14 -23.54 -4.82
CA LYS A 98 20.54 -24.88 -5.22
C LYS A 98 20.28 -25.13 -6.70
N ARG A 99 19.35 -24.39 -7.29
CA ARG A 99 19.06 -24.58 -8.70
C ARG A 99 18.92 -23.31 -9.53
N THR A 100 19.51 -22.22 -9.06
CA THR A 100 19.46 -20.93 -9.77
C THR A 100 20.69 -20.15 -9.42
N SER A 101 20.84 -18.99 -10.04
CA SER A 101 21.97 -18.12 -9.74
C SER A 101 21.71 -17.32 -8.47
N MSE A 102 20.51 -17.43 -7.89
CA MSE A 102 20.22 -16.63 -6.69
C MSE A 102 21.26 -16.88 -5.63
O MSE A 102 21.49 -18.04 -5.25
CB MSE A 102 18.85 -16.95 -6.14
CG MSE A 102 18.49 -16.11 -4.92
SE MSE A 102 16.73 -16.58 -4.29
CE MSE A 102 16.04 -14.83 -3.83
N ARG A 103 21.88 -15.80 -5.16
CA ARG A 103 22.94 -15.90 -4.15
C ARG A 103 22.89 -14.93 -2.99
N SER A 104 23.43 -15.37 -1.86
CA SER A 104 23.51 -14.58 -0.64
C SER A 104 24.56 -13.47 -0.79
N ILE A 105 24.44 -12.41 0.01
CA ILE A 105 25.39 -11.30 -0.03
C ILE A 105 25.95 -11.12 1.38
N LEU A 106 27.12 -10.49 1.46
CA LEU A 106 27.80 -10.25 2.74
C LEU A 106 26.90 -9.67 3.83
N THR A 107 26.25 -8.53 3.53
CA THR A 107 25.38 -7.87 4.50
C THR A 107 24.25 -8.70 5.07
N ASN A 108 24.05 -9.91 4.57
CA ASN A 108 22.98 -10.72 5.14
C ASN A 108 23.29 -11.11 6.59
N ARG A 109 24.58 -11.06 6.94
CA ARG A 109 24.98 -11.40 8.29
C ARG A 109 24.41 -10.42 9.31
N TRP A 110 23.98 -9.25 8.87
CA TRP A 110 23.41 -8.24 9.76
C TRP A 110 21.89 -8.04 9.52
N ARG A 111 21.32 -8.85 8.64
CA ARG A 111 19.88 -8.74 8.37
C ARG A 111 19.12 -9.54 9.42
N GLU A 112 17.92 -9.09 9.75
CA GLU A 112 17.09 -9.75 10.74
C GLU A 112 15.64 -9.94 10.29
N ALA A 113 15.21 -9.13 9.34
CA ALA A 113 13.81 -9.19 8.90
C ALA A 113 13.54 -9.50 7.44
N SER A 114 14.58 -9.79 6.67
CA SER A 114 14.44 -10.09 5.24
C SER A 114 15.76 -10.64 4.75
N THR A 115 15.84 -10.91 3.44
CA THR A 115 17.06 -11.47 2.83
C THR A 115 17.47 -10.78 1.54
N GLY A 116 18.69 -10.28 1.53
CA GLY A 116 19.24 -9.63 0.35
C GLY A 116 19.89 -10.65 -0.56
N PHE A 117 19.98 -10.35 -1.85
CA PHE A 117 20.61 -11.32 -2.74
C PHE A 117 21.01 -10.78 -4.09
N ASP A 118 21.90 -11.52 -4.76
CA ASP A 118 22.33 -11.21 -6.12
C ASP A 118 21.71 -12.33 -6.96
N ILE A 119 21.40 -12.02 -8.22
CA ILE A 119 20.82 -13.02 -9.11
C ILE A 119 21.07 -12.63 -10.56
N ASP A 120 21.26 -13.63 -11.43
CA ASP A 120 21.47 -13.37 -12.84
C ASP A 120 20.11 -12.90 -13.39
N PRO A 121 20.11 -11.87 -14.25
CA PRO A 121 18.87 -11.34 -14.82
C PRO A 121 17.96 -12.40 -15.41
N GLU A 122 18.54 -13.46 -15.95
CA GLU A 122 17.75 -14.52 -16.55
C GLU A 122 16.88 -15.28 -15.56
N ASP A 123 17.32 -15.38 -14.32
CA ASP A 123 16.56 -16.13 -13.32
C ASP A 123 15.55 -15.31 -12.55
N VAL A 124 15.48 -14.01 -12.82
CA VAL A 124 14.55 -13.16 -12.11
C VAL A 124 13.08 -13.55 -12.23
N ASP A 125 12.60 -13.78 -13.44
CA ASP A 125 11.19 -14.14 -13.60
C ASP A 125 10.79 -15.38 -12.81
N TYR A 126 11.62 -16.42 -12.87
CA TYR A 126 11.34 -17.67 -12.16
C TYR A 126 11.35 -17.48 -10.64
N VAL A 127 12.41 -16.86 -10.12
CA VAL A 127 12.50 -16.65 -8.68
C VAL A 127 11.35 -15.79 -8.17
N ARG A 128 10.93 -14.80 -8.95
CA ARG A 128 9.83 -13.95 -8.51
C ARG A 128 8.53 -14.74 -8.32
N LYS A 129 8.27 -15.67 -9.24
CA LYS A 129 7.07 -16.51 -9.17
C LYS A 129 7.15 -17.45 -7.98
N GLU A 130 8.32 -18.01 -7.73
CA GLU A 130 8.49 -18.89 -6.59
C GLU A 130 8.33 -18.05 -5.32
N ALA A 131 8.95 -16.87 -5.30
CA ALA A 131 8.86 -15.98 -4.15
C ALA A 131 7.40 -15.61 -3.83
N GLU A 132 6.65 -15.15 -4.82
CA GLU A 132 5.27 -14.76 -4.57
C GLU A 132 4.39 -15.95 -4.14
N SER A 133 4.63 -17.13 -4.69
CA SER A 133 3.84 -18.29 -4.31
C SER A 133 4.11 -18.59 -2.83
N ARG A 134 5.14 -17.96 -2.28
CA ARG A 134 5.51 -18.18 -0.89
C ARG A 134 5.14 -17.00 0.01
N GLY A 135 4.40 -16.04 -0.53
CA GLY A 135 4.03 -14.89 0.27
C GLY A 135 5.13 -13.87 0.39
N PHE A 136 6.12 -13.96 -0.49
CA PHE A 136 7.24 -13.00 -0.51
C PHE A 136 7.18 -12.22 -1.80
N VAL A 137 7.99 -11.15 -1.87
CA VAL A 137 8.10 -10.33 -3.08
C VAL A 137 9.58 -10.01 -3.25
N ILE A 138 9.99 -9.64 -4.47
CA ILE A 138 11.39 -9.27 -4.69
C ILE A 138 11.49 -8.02 -5.54
N PHE A 139 12.53 -7.24 -5.28
CA PHE A 139 12.80 -6.02 -6.02
C PHE A 139 14.23 -5.61 -5.70
N TYR A 140 14.71 -4.63 -6.48
CA TYR A 140 16.06 -4.14 -6.32
C TYR A 140 16.07 -2.75 -5.71
N SER A 141 17.10 -2.47 -4.92
CA SER A 141 17.28 -1.16 -4.33
C SER A 141 18.68 -1.05 -3.71
N GLY A 142 19.35 0.06 -4.00
CA GLY A 142 20.67 0.25 -3.44
C GLY A 142 21.75 -0.67 -3.97
N TYR A 143 22.21 -1.57 -3.11
CA TYR A 143 23.27 -2.50 -3.48
C TYR A 143 22.82 -3.87 -3.94
N SER A 144 21.54 -4.19 -3.83
CA SER A 144 21.11 -5.53 -4.21
C SER A 144 19.63 -5.70 -4.38
N TRP A 145 19.25 -6.96 -4.57
CA TRP A 145 17.88 -7.36 -4.66
C TRP A 145 17.51 -7.67 -3.21
N HIS A 146 16.23 -7.61 -2.91
CA HIS A 146 15.72 -7.89 -1.59
C HIS A 146 14.50 -8.80 -1.68
N LEU A 147 14.53 -9.87 -0.88
CA LEU A 147 13.46 -10.86 -0.78
C LEU A 147 12.75 -10.49 0.50
N MSE A 148 11.51 -10.02 0.34
CA MSE A 148 10.79 -9.53 1.48
C MSE A 148 9.43 -10.15 1.70
O MSE A 148 8.87 -10.81 0.83
CB MSE A 148 10.64 -8.03 1.31
CG MSE A 148 11.89 -7.38 0.75
SE MSE A 148 12.75 -6.39 2.12
CE MSE A 148 14.58 -6.91 1.90
N ASN A 149 8.91 -9.95 2.92
CA ASN A 149 7.59 -10.44 3.26
C ASN A 149 6.62 -9.43 2.66
N ARG A 150 5.51 -9.91 2.13
CA ARG A 150 4.49 -9.06 1.53
C ARG A 150 4.05 -8.00 2.56
N GLY A 151 4.02 -6.74 2.15
CA GLY A 151 3.60 -5.69 3.08
C GLY A 151 4.74 -5.08 3.88
N GLU A 152 5.93 -5.67 3.74
CA GLU A 152 7.12 -5.19 4.43
C GLU A 152 7.73 -4.16 3.50
N ASP A 153 7.24 -2.93 3.59
CA ASP A 153 7.71 -1.84 2.72
C ASP A 153 7.72 -0.44 3.34
N LYS A 154 7.95 0.55 2.50
CA LYS A 154 8.01 1.93 2.93
C LYS A 154 6.69 2.50 3.45
N ALA A 155 5.58 1.97 2.92
CA ALA A 155 4.25 2.40 3.36
C ALA A 155 4.12 1.99 4.83
N PHE A 156 4.58 0.79 5.14
CA PHE A 156 4.56 0.30 6.52
C PHE A 156 5.34 1.27 7.43
N ALA A 157 6.56 1.59 7.01
CA ALA A 157 7.42 2.48 7.78
C ALA A 157 6.84 3.87 7.95
N VAL A 158 6.27 4.43 6.89
CA VAL A 158 5.71 5.79 7.01
C VAL A 158 4.48 5.78 7.91
N ASN A 159 3.65 4.74 7.81
CA ASN A 159 2.45 4.66 8.65
C ASN A 159 2.88 4.54 10.12
N LYS A 160 4.01 3.89 10.35
CA LYS A 160 4.56 3.69 11.69
C LYS A 160 4.99 5.04 12.26
N LEU A 161 5.64 5.85 11.43
CA LEU A 161 6.10 7.18 11.82
C LEU A 161 4.92 8.10 12.15
N LYS A 162 3.89 8.04 11.30
CA LYS A 162 2.67 8.80 11.51
C LYS A 162 2.11 8.52 12.90
N GLU A 163 2.00 7.24 13.26
CA GLU A 163 1.47 6.81 14.55
C GLU A 163 2.38 7.21 15.72
N MSE A 164 3.69 7.03 15.54
CA MSE A 164 4.66 7.36 16.58
C MSE A 164 4.63 8.86 16.87
O MSE A 164 4.77 9.26 18.03
CB MSE A 164 6.07 6.95 16.15
CG MSE A 164 6.27 5.46 15.95
SE MSE A 164 8.03 5.04 15.24
CE MSE A 164 9.04 5.62 16.79
N TYR A 165 4.44 9.68 15.85
CA TYR A 165 4.44 11.12 16.04
C TYR A 165 3.05 11.77 16.05
N SER A 166 2.01 10.93 16.02
CA SER A 166 0.62 11.42 16.01
C SER A 166 0.43 12.52 15.00
N LEU A 167 0.79 12.24 13.76
CA LEU A 167 0.68 13.22 12.70
C LEU A 167 -0.48 12.90 11.75
N GLU A 168 -0.83 13.89 10.94
CA GLU A 168 -1.85 13.73 9.91
C GLU A 168 -0.95 13.44 8.72
N TYR A 169 -1.47 12.71 7.74
CA TYR A 169 -0.69 12.41 6.55
C TYR A 169 -0.12 13.67 5.89
N ASP A 170 -0.91 14.73 5.85
CA ASP A 170 -0.44 15.95 5.21
C ASP A 170 0.62 16.71 5.98
N GLU A 171 1.04 16.18 7.14
CA GLU A 171 2.11 16.81 7.90
C GLU A 171 3.38 16.03 7.59
N ILE A 172 3.25 15.02 6.73
CA ILE A 172 4.38 14.19 6.35
C ILE A 172 4.76 14.40 4.91
N LEU A 173 6.05 14.54 4.67
CA LEU A 173 6.60 14.71 3.33
C LEU A 173 7.44 13.47 3.03
N VAL A 174 7.25 12.88 1.84
CA VAL A 174 8.06 11.72 1.47
C VAL A 174 8.89 12.08 0.24
N ILE A 175 10.15 11.67 0.25
CA ILE A 175 11.06 11.90 -0.86
C ILE A 175 11.56 10.54 -1.37
N GLY A 176 11.30 10.29 -2.65
CA GLY A 176 11.69 9.05 -3.28
C GLY A 176 12.08 9.25 -4.73
N ASP A 177 12.27 8.17 -5.46
CA ASP A 177 12.68 8.34 -6.82
C ASP A 177 12.18 7.32 -7.82
N SER A 178 11.73 6.16 -7.37
CA SER A 178 11.29 5.14 -8.30
C SER A 178 10.13 4.27 -7.83
N ASN A 179 9.93 3.16 -8.54
CA ASN A 179 8.82 2.28 -8.24
C ASN A 179 8.88 1.67 -6.85
N ASN A 180 10.08 1.40 -6.36
CA ASN A 180 10.16 0.80 -5.04
C ASN A 180 9.84 1.84 -3.95
N ASP A 181 9.50 3.06 -4.37
CA ASP A 181 9.07 4.10 -3.43
C ASP A 181 7.57 4.33 -3.58
N MSE A 182 6.96 3.71 -4.58
CA MSE A 182 5.52 3.96 -4.79
C MSE A 182 4.67 3.60 -3.57
O MSE A 182 3.69 4.28 -3.30
CB MSE A 182 5.01 3.24 -6.04
CG MSE A 182 3.57 3.61 -6.42
SE MSE A 182 3.18 5.53 -6.65
CE MSE A 182 3.71 5.68 -8.50
N PRO A 183 5.03 2.54 -2.83
CA PRO A 183 4.19 2.24 -1.66
C PRO A 183 3.99 3.46 -0.73
N MSE A 184 5.01 4.28 -0.55
CA MSE A 184 4.82 5.43 0.32
C MSE A 184 4.30 6.64 -0.47
O MSE A 184 3.73 7.56 0.13
CB MSE A 184 6.09 5.79 1.11
CG MSE A 184 7.31 6.25 0.35
SE MSE A 184 8.71 6.85 1.58
CE MSE A 184 10.09 7.24 0.27
N PHE A 185 4.45 6.66 -1.78
CA PHE A 185 3.94 7.80 -2.53
C PHE A 185 2.43 7.69 -2.75
N GLN A 186 1.89 6.48 -2.70
CA GLN A 186 0.46 6.33 -2.91
C GLN A 186 -0.32 6.66 -1.64
N LEU A 187 0.38 6.99 -0.55
CA LEU A 187 -0.29 7.39 0.69
C LEU A 187 -0.70 8.85 0.55
N PRO A 188 -1.61 9.34 1.42
CA PRO A 188 -2.07 10.73 1.37
C PRO A 188 -1.10 11.75 1.92
N VAL A 189 0.19 11.44 1.83
CA VAL A 189 1.24 12.32 2.33
C VAL A 189 1.63 13.35 1.28
N ARG A 190 2.52 14.26 1.67
CA ARG A 190 3.02 15.27 0.75
C ARG A 190 4.17 14.55 0.04
N LYS A 191 4.39 14.88 -1.23
CA LYS A 191 5.39 14.21 -2.04
C LYS A 191 6.31 15.12 -2.84
N ALA A 192 7.58 14.73 -2.92
CA ALA A 192 8.57 15.47 -3.69
C ALA A 192 9.55 14.46 -4.26
N CYS A 193 10.09 14.77 -5.43
CA CYS A 193 11.02 13.87 -6.09
C CYS A 193 12.09 14.63 -6.88
N PRO A 194 13.18 13.94 -7.29
CA PRO A 194 14.26 14.56 -8.07
C PRO A 194 13.96 14.63 -9.57
N ALA A 195 14.81 15.32 -10.31
CA ALA A 195 14.62 15.49 -11.74
C ALA A 195 14.74 14.20 -12.52
N ASN A 196 15.45 13.22 -11.96
CA ASN A 196 15.58 11.94 -12.64
C ASN A 196 14.66 10.86 -12.07
N ALA A 197 13.59 11.28 -11.39
CA ALA A 197 12.68 10.29 -10.84
C ALA A 197 11.84 9.73 -12.00
N THR A 198 11.28 8.55 -11.79
CA THR A 198 10.45 7.90 -12.83
C THR A 198 9.23 8.79 -13.10
N ASP A 199 8.67 8.67 -14.29
CA ASP A 199 7.51 9.44 -14.70
C ASP A 199 6.31 9.26 -13.74
N ASN A 200 6.06 8.02 -13.30
CA ASN A 200 4.91 7.78 -12.41
C ASN A 200 5.03 8.46 -11.06
N ILE A 201 6.25 8.53 -10.53
CA ILE A 201 6.51 9.19 -9.26
C ILE A 201 6.35 10.70 -9.47
N LYS A 202 6.87 11.21 -10.57
CA LYS A 202 6.72 12.65 -10.83
C LYS A 202 5.24 13.00 -10.94
N ALA A 203 4.49 12.17 -11.64
CA ALA A 203 3.05 12.37 -11.87
C ALA A 203 2.22 12.62 -10.62
N VAL A 204 2.57 11.96 -9.52
CA VAL A 204 1.84 12.11 -8.27
C VAL A 204 2.54 13.01 -7.23
N SER A 205 3.71 13.54 -7.57
CA SER A 205 4.46 14.38 -6.64
C SER A 205 3.91 15.81 -6.59
N ASP A 206 4.01 16.45 -5.42
CA ASP A 206 3.56 17.83 -5.23
C ASP A 206 4.63 18.77 -5.73
N PHE A 207 5.87 18.30 -5.74
CA PHE A 207 6.97 19.11 -6.21
C PHE A 207 8.02 18.22 -6.87
N VAL A 208 8.39 18.59 -8.09
CA VAL A 208 9.40 17.88 -8.86
C VAL A 208 10.56 18.85 -8.95
N SER A 209 11.68 18.44 -8.37
CA SER A 209 12.90 19.23 -8.32
C SER A 209 13.60 19.32 -9.68
N ASP A 210 14.40 20.36 -9.82
CA ASP A 210 15.20 20.61 -11.01
C ASP A 210 16.55 19.90 -10.82
N TYR A 211 16.78 19.34 -9.63
CA TYR A 211 18.05 18.64 -9.30
C TYR A 211 17.87 17.18 -8.94
N SER A 212 18.99 16.46 -8.87
CA SER A 212 19.02 15.04 -8.54
C SER A 212 20.33 14.73 -7.78
N TYR A 213 20.55 13.46 -7.48
CA TYR A 213 21.79 13.06 -6.81
C TYR A 213 22.09 13.79 -5.51
N GLY A 214 21.04 14.11 -4.76
CA GLY A 214 21.22 14.77 -3.48
C GLY A 214 20.93 16.26 -3.49
N GLU A 215 21.07 16.90 -4.64
CA GLU A 215 20.82 18.35 -4.73
C GLU A 215 19.33 18.71 -4.76
N GLU A 216 18.45 17.71 -4.83
CA GLU A 216 17.01 17.97 -4.81
C GLU A 216 16.54 18.24 -3.36
N ILE A 217 17.26 17.72 -2.38
CA ILE A 217 16.87 17.90 -0.97
C ILE A 217 16.80 19.38 -0.58
N GLY A 218 17.87 20.11 -0.87
CA GLY A 218 17.90 21.54 -0.53
C GLY A 218 16.77 22.32 -1.21
N GLN A 219 16.54 22.06 -2.48
CA GLN A 219 15.49 22.78 -3.19
C GLN A 219 14.11 22.34 -2.71
N ILE A 220 13.96 21.06 -2.39
CA ILE A 220 12.68 20.58 -1.89
C ILE A 220 12.34 21.28 -0.58
N PHE A 221 13.26 21.25 0.37
CA PHE A 221 13.05 21.88 1.66
C PHE A 221 12.80 23.38 1.52
N LYS A 222 13.48 24.03 0.59
CA LYS A 222 13.27 25.46 0.39
C LYS A 222 11.85 25.69 -0.15
N HIS A 223 11.38 24.79 -1.00
CA HIS A 223 10.05 24.93 -1.56
C HIS A 223 8.95 24.81 -0.51
N PHE A 224 9.11 23.87 0.42
CA PHE A 224 8.12 23.69 1.47
C PHE A 224 8.41 24.59 2.67
N GLU A 225 9.32 25.54 2.48
CA GLU A 225 9.70 26.49 3.52
C GLU A 225 10.23 25.82 4.79
N LEU A 226 10.99 24.73 4.62
CA LEU A 226 11.52 23.99 5.76
C LEU A 226 12.97 24.35 6.01
N MSE A 227 13.53 25.17 5.14
CA MSE A 227 14.93 25.49 5.28
C MSE A 227 15.30 26.76 4.52
O MSE A 227 14.91 27.86 4.97
OXT MSE A 227 15.97 26.63 3.47
CB MSE A 227 15.72 24.29 4.78
CG MSE A 227 17.19 24.39 4.79
SE MSE A 227 17.73 23.35 3.29
CE MSE A 227 18.83 24.67 2.42
N HIS B 3 -4.38 -10.96 19.58
CA HIS B 3 -5.54 -10.02 19.58
C HIS B 3 -6.80 -10.66 19.02
N MSE B 4 -7.93 -10.29 19.60
N MSE B 4 -7.93 -10.34 19.65
CA MSE B 4 -9.25 -10.76 19.22
CA MSE B 4 -9.22 -10.87 19.19
C MSE B 4 -9.76 -9.88 18.09
C MSE B 4 -9.74 -9.93 18.09
O MSE B 4 -9.66 -8.65 18.16
O MSE B 4 -9.66 -8.73 18.22
CB MSE B 4 -10.22 -10.66 20.39
CB MSE B 4 -10.21 -10.96 20.35
CG MSE B 4 -9.81 -11.44 21.62
CG MSE B 4 -9.78 -11.86 21.50
SE MSE B 4 -11.18 -11.35 22.98
SE MSE B 4 -10.90 -13.44 21.75
CE MSE B 4 -10.18 -10.45 24.34
CE MSE B 4 -12.09 -12.84 23.17
N ILE B 5 -10.32 -10.49 17.04
CA ILE B 5 -10.84 -9.71 15.93
C ILE B 5 -12.08 -8.92 16.35
N ARG B 6 -12.06 -7.61 16.10
CA ARG B 6 -13.20 -6.77 16.45
C ARG B 6 -13.91 -6.24 15.20
N LEU B 7 -13.23 -6.25 14.07
CA LEU B 7 -13.84 -5.76 12.84
C LEU B 7 -13.36 -6.54 11.64
N ALA B 8 -14.30 -6.83 10.75
CA ALA B 8 -14.00 -7.54 9.51
C ALA B 8 -14.29 -6.60 8.35
N ALA B 9 -13.29 -6.40 7.47
CA ALA B 9 -13.47 -5.54 6.31
C ALA B 9 -13.59 -6.56 5.17
N ILE B 10 -14.75 -6.56 4.52
CA ILE B 10 -15.00 -7.53 3.46
C ILE B 10 -15.25 -7.01 2.07
N ASP B 11 -14.48 -7.46 1.10
CA ASP B 11 -14.68 -7.05 -0.28
C ASP B 11 -15.84 -7.87 -0.83
N VAL B 12 -16.82 -7.18 -1.39
CA VAL B 12 -18.03 -7.84 -1.90
C VAL B 12 -17.87 -8.89 -3.00
N ASP B 13 -17.38 -8.45 -4.15
CA ASP B 13 -17.21 -9.29 -5.33
C ASP B 13 -16.21 -10.43 -5.17
N GLY B 14 -16.66 -11.66 -5.42
CA GLY B 14 -15.76 -12.79 -5.28
C GLY B 14 -15.74 -13.34 -3.87
N ASN B 15 -16.28 -12.59 -2.92
CA ASN B 15 -16.32 -13.06 -1.54
C ASN B 15 -17.74 -13.17 -1.01
N LEU B 16 -18.62 -12.26 -1.41
CA LEU B 16 -19.98 -12.33 -0.94
C LEU B 16 -20.93 -12.83 -2.02
N THR B 17 -20.39 -12.98 -3.23
CA THR B 17 -21.18 -13.41 -4.37
C THR B 17 -21.01 -14.90 -4.67
N ASP B 18 -22.00 -15.49 -5.31
CA ASP B 18 -21.93 -16.91 -5.66
C ASP B 18 -21.50 -17.11 -7.11
N ARG B 19 -21.75 -18.31 -7.63
CA ARG B 19 -21.39 -18.68 -8.99
C ARG B 19 -21.96 -17.75 -10.06
N ASP B 20 -23.05 -17.06 -9.73
CA ASP B 20 -23.71 -16.18 -10.69
C ASP B 20 -23.49 -14.71 -10.36
N ARG B 21 -22.47 -14.42 -9.57
CA ARG B 21 -22.17 -13.04 -9.18
C ARG B 21 -23.33 -12.49 -8.35
N LEU B 22 -24.17 -13.39 -7.84
CA LEU B 22 -25.31 -12.98 -7.03
C LEU B 22 -24.90 -13.04 -5.57
N ILE B 23 -25.57 -12.27 -4.71
CA ILE B 23 -25.22 -12.28 -3.31
C ILE B 23 -25.57 -13.63 -2.68
N SER B 24 -24.66 -14.12 -1.85
CA SER B 24 -24.84 -15.40 -1.18
C SER B 24 -25.69 -15.26 0.09
N THR B 25 -26.79 -16.01 0.18
CA THR B 25 -27.65 -15.94 1.35
C THR B 25 -26.96 -16.53 2.59
N LYS B 26 -26.11 -17.53 2.38
CA LYS B 26 -25.37 -18.14 3.47
C LYS B 26 -24.40 -17.10 4.03
N ALA B 27 -23.83 -16.29 3.14
CA ALA B 27 -22.91 -15.25 3.56
C ALA B 27 -23.68 -14.21 4.38
N ILE B 28 -24.85 -13.81 3.92
CA ILE B 28 -25.65 -12.82 4.64
C ILE B 28 -25.97 -13.32 6.06
N GLU B 29 -26.43 -14.56 6.19
CA GLU B 29 -26.75 -15.06 7.53
C GLU B 29 -25.50 -15.14 8.41
N SER B 30 -24.36 -15.54 7.83
CA SER B 30 -23.13 -15.59 8.60
C SER B 30 -22.74 -14.22 9.16
N ILE B 31 -22.85 -13.18 8.33
CA ILE B 31 -22.53 -11.82 8.79
C ILE B 31 -23.48 -11.37 9.91
N ARG B 32 -24.78 -11.53 9.71
CA ARG B 32 -25.73 -11.14 10.74
C ARG B 32 -25.44 -11.90 12.06
N SER B 33 -25.08 -13.18 11.98
CA SER B 33 -24.79 -13.97 13.18
C SER B 33 -23.57 -13.44 13.92
N ALA B 34 -22.52 -13.16 13.17
CA ALA B 34 -21.29 -12.66 13.77
C ALA B 34 -21.54 -11.30 14.37
N GLU B 35 -22.32 -10.47 13.67
CA GLU B 35 -22.61 -9.14 14.17
C GLU B 35 -23.40 -9.20 15.48
N LYS B 36 -24.32 -10.14 15.61
CA LYS B 36 -25.08 -10.27 16.85
C LYS B 36 -24.14 -10.63 17.99
N LYS B 37 -23.07 -11.34 17.67
CA LYS B 37 -22.12 -11.75 18.69
C LYS B 37 -21.04 -10.70 18.97
N GLY B 38 -21.21 -9.50 18.43
CA GLY B 38 -20.27 -8.42 18.69
C GLY B 38 -19.36 -7.94 17.57
N LEU B 39 -19.37 -8.59 16.43
CA LEU B 39 -18.50 -8.19 15.33
C LEU B 39 -18.97 -6.98 14.52
N THR B 40 -18.04 -6.08 14.20
CA THR B 40 -18.32 -4.92 13.36
C THR B 40 -17.89 -5.36 11.96
N VAL B 41 -18.77 -5.16 11.00
CA VAL B 41 -18.47 -5.55 9.62
C VAL B 41 -18.56 -4.34 8.70
N SER B 42 -17.59 -4.26 7.79
CA SER B 42 -17.55 -3.18 6.83
C SER B 42 -17.44 -3.81 5.46
N LEU B 43 -18.20 -3.30 4.50
CA LEU B 43 -18.16 -3.83 3.14
C LEU B 43 -17.48 -2.82 2.21
N LEU B 44 -16.71 -3.35 1.27
CA LEU B 44 -16.00 -2.52 0.31
C LEU B 44 -16.18 -3.10 -1.09
N SER B 45 -16.31 -2.22 -2.08
CA SER B 45 -16.48 -2.64 -3.46
C SER B 45 -16.28 -1.47 -4.44
N GLY B 46 -16.41 -1.78 -5.73
CA GLY B 46 -16.23 -0.77 -6.76
C GLY B 46 -17.53 -0.10 -7.15
N ASN B 47 -18.63 -0.54 -6.55
CA ASN B 47 -19.94 0.04 -6.84
C ASN B 47 -20.04 1.46 -6.32
N VAL B 48 -21.03 2.19 -6.85
CA VAL B 48 -21.28 3.56 -6.43
C VAL B 48 -21.92 3.55 -5.05
N ILE B 49 -21.82 4.67 -4.37
CA ILE B 49 -22.31 4.73 -3.01
C ILE B 49 -23.78 4.36 -2.74
N PRO B 50 -24.70 4.70 -3.63
CA PRO B 50 -26.07 4.30 -3.30
C PRO B 50 -26.23 2.78 -3.38
N VAL B 51 -25.39 2.14 -4.19
CA VAL B 51 -25.47 0.69 -4.33
C VAL B 51 -24.93 0.00 -3.08
N VAL B 52 -23.78 0.41 -2.56
CA VAL B 52 -23.28 -0.22 -1.34
C VAL B 52 -24.18 0.20 -0.16
N TYR B 53 -24.81 1.37 -0.27
CA TYR B 53 -25.75 1.80 0.77
C TYR B 53 -26.88 0.77 0.77
N ALA B 54 -27.37 0.39 -0.41
CA ALA B 54 -28.43 -0.61 -0.50
C ALA B 54 -28.01 -1.89 0.24
N LEU B 55 -26.75 -2.28 0.08
CA LEU B 55 -26.26 -3.48 0.74
C LEU B 55 -26.26 -3.29 2.26
N LYS B 56 -25.83 -2.12 2.71
CA LYS B 56 -25.80 -1.83 4.13
C LYS B 56 -27.16 -1.98 4.80
N ILE B 57 -28.18 -1.33 4.25
CA ILE B 57 -29.50 -1.39 4.89
C ILE B 57 -30.28 -2.68 4.70
N PHE B 58 -30.15 -3.34 3.54
CA PHE B 58 -30.87 -4.59 3.31
C PHE B 58 -30.13 -5.79 3.86
N LEU B 59 -28.80 -5.78 3.74
CA LEU B 59 -28.01 -6.89 4.25
C LEU B 59 -27.89 -6.82 5.77
N GLY B 60 -27.92 -5.61 6.30
CA GLY B 60 -27.80 -5.43 7.74
C GLY B 60 -26.34 -5.36 8.14
N ILE B 61 -25.63 -4.40 7.58
CA ILE B 61 -24.21 -4.19 7.86
C ILE B 61 -24.13 -3.13 8.95
N ASN B 62 -23.48 -3.43 10.08
CA ASN B 62 -23.42 -2.48 11.19
C ASN B 62 -22.24 -1.49 11.19
N GLY B 63 -21.39 -1.56 10.17
CA GLY B 63 -20.27 -0.66 10.13
C GLY B 63 -20.29 0.13 8.85
N PRO B 64 -19.24 0.94 8.60
CA PRO B 64 -19.18 1.73 7.37
C PRO B 64 -19.11 0.89 6.10
N VAL B 65 -19.55 1.47 4.99
CA VAL B 65 -19.47 0.76 3.73
C VAL B 65 -18.77 1.67 2.74
N PHE B 66 -17.96 1.10 1.86
CA PHE B 66 -17.21 1.88 0.89
C PHE B 66 -17.54 1.55 -0.55
N GLY B 67 -17.66 2.59 -1.37
CA GLY B 67 -17.93 2.37 -2.78
C GLY B 67 -16.75 2.91 -3.56
N GLU B 68 -16.77 2.79 -4.88
CA GLU B 68 -15.67 3.31 -5.68
C GLU B 68 -14.31 2.91 -5.13
N ASN B 69 -14.18 1.62 -4.81
CA ASN B 69 -12.94 1.03 -4.32
C ASN B 69 -12.27 1.72 -3.13
N GLY B 70 -13.07 2.32 -2.27
CA GLY B 70 -12.53 2.98 -1.09
C GLY B 70 -12.60 4.49 -1.12
N GLY B 71 -12.95 5.06 -2.27
CA GLY B 71 -12.98 6.52 -2.38
C GLY B 71 -14.15 7.29 -1.78
N ILE B 72 -15.24 6.60 -1.48
CA ILE B 72 -16.42 7.23 -0.89
C ILE B 72 -17.00 6.28 0.16
N MSE B 73 -17.48 6.84 1.27
CA MSE B 73 -18.00 6.04 2.37
C MSE B 73 -19.37 6.52 2.86
O MSE B 73 -19.67 7.71 2.81
CB MSE B 73 -16.99 6.13 3.53
CG MSE B 73 -17.24 5.26 4.77
SE MSE B 73 -15.97 5.78 6.19
CE MSE B 73 -16.73 7.50 6.64
N PHE B 74 -20.19 5.59 3.31
CA PHE B 74 -21.49 5.92 3.88
C PHE B 74 -21.23 5.59 5.34
N ASP B 75 -21.21 6.64 6.17
CA ASP B 75 -20.90 6.55 7.60
C ASP B 75 -21.98 5.96 8.51
N ASN B 76 -21.61 5.75 9.77
CA ASN B 76 -22.50 5.22 10.79
C ASN B 76 -23.55 6.25 11.19
N ASP B 77 -23.35 7.51 10.81
CA ASP B 77 -24.30 8.56 11.17
C ASP B 77 -25.22 8.92 10.02
N GLY B 78 -25.35 7.99 9.08
CA GLY B 78 -26.20 8.22 7.91
C GLY B 78 -25.68 9.26 6.92
N SER B 79 -24.40 9.62 7.04
CA SER B 79 -23.83 10.60 6.13
C SER B 79 -22.86 9.97 5.13
N ILE B 80 -22.64 10.67 4.03
CA ILE B 80 -21.71 10.21 3.01
C ILE B 80 -20.48 11.11 2.97
N LYS B 81 -19.30 10.48 3.06
CA LYS B 81 -18.05 11.19 3.03
C LYS B 81 -17.24 10.77 1.83
N LYS B 82 -16.82 11.76 1.04
CA LYS B 82 -16.04 11.54 -0.18
C LYS B 82 -14.59 11.95 0.09
N PHE B 83 -13.64 11.10 -0.29
CA PHE B 83 -12.22 11.37 -0.04
C PHE B 83 -11.42 11.84 -1.26
N PHE B 84 -11.97 11.62 -2.44
CA PHE B 84 -11.35 12.04 -3.69
C PHE B 84 -12.43 12.62 -4.59
N SER B 85 -11.99 13.37 -5.59
CA SER B 85 -12.90 13.99 -6.55
C SER B 85 -12.83 13.33 -7.91
N ASN B 86 -13.92 13.43 -8.65
CA ASN B 86 -14.01 12.84 -9.97
C ASN B 86 -13.92 13.90 -11.06
N GLU B 87 -13.64 15.15 -10.68
N GLU B 87 -13.65 15.15 -10.67
CA GLU B 87 -13.52 16.20 -11.70
CA GLU B 87 -13.51 16.20 -11.66
C GLU B 87 -12.41 15.84 -12.69
C GLU B 87 -12.43 15.83 -12.67
N GLY B 88 -11.21 15.60 -12.19
CA GLY B 88 -10.11 15.24 -13.06
C GLY B 88 -10.29 13.95 -13.86
N THR B 89 -10.77 12.88 -13.23
CA THR B 89 -10.96 11.62 -13.95
C THR B 89 -12.08 11.73 -14.99
N ASN B 90 -13.14 12.46 -14.67
CA ASN B 90 -14.23 12.62 -15.63
C ASN B 90 -13.70 13.36 -16.85
N LYS B 91 -12.84 14.36 -16.60
CA LYS B 91 -12.26 15.16 -17.67
C LYS B 91 -11.42 14.29 -18.60
N PHE B 92 -10.65 13.39 -17.99
CA PHE B 92 -9.80 12.46 -18.72
C PHE B 92 -10.65 11.56 -19.64
N LEU B 93 -11.71 10.99 -19.10
CA LEU B 93 -12.58 10.13 -19.89
C LEU B 93 -13.18 10.91 -21.06
N GLU B 94 -13.54 12.16 -20.81
CA GLU B 94 -14.11 12.99 -21.85
C GLU B 94 -13.12 13.18 -23.00
N GLU B 95 -11.89 13.52 -22.66
CA GLU B 95 -10.88 13.71 -23.68
C GLU B 95 -10.55 12.42 -24.41
N MSE B 96 -10.24 11.37 -23.66
CA MSE B 96 -9.89 10.07 -24.25
C MSE B 96 -10.98 9.49 -25.16
O MSE B 96 -10.67 8.82 -26.16
CB MSE B 96 -9.57 9.07 -23.16
CG MSE B 96 -8.30 9.39 -22.38
SE MSE B 96 -6.72 9.34 -23.49
CE MSE B 96 -6.41 11.21 -23.56
N SER B 97 -12.24 9.75 -24.84
CA SER B 97 -13.36 9.21 -25.62
C SER B 97 -13.42 9.79 -27.03
N LYS B 98 -12.66 10.85 -27.26
CA LYS B 98 -12.64 11.49 -28.56
C LYS B 98 -11.59 10.88 -29.47
N ARG B 99 -10.72 10.03 -28.91
CA ARG B 99 -9.69 9.41 -29.74
C ARG B 99 -9.40 7.95 -29.42
N THR B 100 -10.26 7.33 -28.63
CA THR B 100 -10.12 5.92 -28.28
C THR B 100 -11.53 5.39 -28.11
N SER B 101 -11.62 4.10 -27.81
CA SER B 101 -12.89 3.43 -27.59
C SER B 101 -13.41 3.59 -26.16
N MSE B 102 -12.63 4.25 -25.31
CA MSE B 102 -13.03 4.48 -23.92
C MSE B 102 -14.39 5.20 -23.88
O MSE B 102 -14.57 6.23 -24.54
CB MSE B 102 -11.97 5.30 -23.21
CG MSE B 102 -12.16 5.41 -21.70
SE MSE B 102 -10.80 6.51 -20.91
CE MSE B 102 -10.81 5.75 -19.12
N ARG B 103 -15.33 4.64 -23.11
CA ARG B 103 -16.66 5.21 -23.00
C ARG B 103 -17.21 5.19 -21.56
N SER B 104 -17.96 6.24 -21.22
CA SER B 104 -18.59 6.35 -19.91
C SER B 104 -19.65 5.26 -19.80
N ILE B 105 -20.04 4.91 -18.57
CA ILE B 105 -21.03 3.87 -18.33
C ILE B 105 -22.16 4.46 -17.48
N LEU B 106 -23.36 3.89 -17.59
CA LEU B 106 -24.50 4.41 -16.82
C LEU B 106 -24.25 4.74 -15.33
N THR B 107 -23.65 3.82 -14.57
CA THR B 107 -23.42 4.08 -13.14
C THR B 107 -22.56 5.32 -12.81
N ASN B 108 -21.94 5.94 -13.80
CA ASN B 108 -21.15 7.15 -13.51
C ASN B 108 -22.09 8.28 -13.11
N ARG B 109 -23.38 8.08 -13.35
CA ARG B 109 -24.34 9.09 -12.96
C ARG B 109 -24.45 9.15 -11.44
N TRP B 110 -23.90 8.15 -10.75
CA TRP B 110 -23.96 8.15 -9.29
C TRP B 110 -22.56 8.21 -8.69
N ARG B 111 -21.54 8.33 -9.53
CA ARG B 111 -20.15 8.40 -9.04
C ARG B 111 -19.76 9.80 -8.61
N GLU B 112 -18.92 9.87 -7.57
CA GLU B 112 -18.47 11.17 -7.03
C GLU B 112 -16.96 11.28 -6.82
N ALA B 113 -16.26 10.15 -6.71
CA ALA B 113 -14.83 10.20 -6.43
C ALA B 113 -13.92 9.48 -7.40
N SER B 114 -14.47 9.05 -8.52
CA SER B 114 -13.70 8.36 -9.55
C SER B 114 -14.61 8.18 -10.76
N THR B 115 -14.11 7.53 -11.79
CA THR B 115 -14.88 7.35 -13.01
C THR B 115 -14.86 5.92 -13.50
N GLY B 116 -16.01 5.40 -13.88
CA GLY B 116 -16.08 4.02 -14.37
C GLY B 116 -16.08 4.07 -15.88
N PHE B 117 -15.71 2.98 -16.55
CA PHE B 117 -15.70 2.99 -18.01
C PHE B 117 -15.64 1.63 -18.69
N ASP B 118 -15.89 1.66 -20.00
CA ASP B 118 -15.82 0.51 -20.89
C ASP B 118 -14.78 0.92 -21.91
N ILE B 119 -14.13 -0.07 -22.50
CA ILE B 119 -13.08 0.18 -23.46
C ILE B 119 -12.75 -1.12 -24.21
N ASP B 120 -12.26 -1.00 -25.46
CA ASP B 120 -11.87 -2.19 -26.23
C ASP B 120 -10.53 -2.61 -25.64
N PRO B 121 -10.33 -3.93 -25.42
CA PRO B 121 -9.08 -4.43 -24.85
C PRO B 121 -7.79 -3.88 -25.44
N GLU B 122 -7.76 -3.72 -26.76
CA GLU B 122 -6.57 -3.24 -27.43
C GLU B 122 -6.22 -1.79 -27.08
N ASP B 123 -7.19 -1.01 -26.59
CA ASP B 123 -6.92 0.38 -26.25
C ASP B 123 -6.45 0.51 -24.80
N VAL B 124 -6.49 -0.58 -24.05
CA VAL B 124 -6.08 -0.50 -22.65
C VAL B 124 -4.69 0.09 -22.45
N ASP B 125 -3.69 -0.39 -23.19
CA ASP B 125 -2.34 0.13 -23.00
C ASP B 125 -2.21 1.63 -23.26
N TYR B 126 -2.78 2.10 -24.36
CA TYR B 126 -2.71 3.51 -24.71
C TYR B 126 -3.26 4.34 -23.56
N VAL B 127 -4.45 3.97 -23.09
CA VAL B 127 -5.12 4.65 -22.00
C VAL B 127 -4.41 4.56 -20.66
N ARG B 128 -3.86 3.40 -20.30
CA ARG B 128 -3.16 3.32 -19.01
C ARG B 128 -1.97 4.29 -18.98
N LYS B 129 -1.22 4.34 -20.08
CA LYS B 129 -0.07 5.21 -20.14
C LYS B 129 -0.48 6.67 -19.93
N GLU B 130 -1.49 7.12 -20.66
CA GLU B 130 -1.99 8.48 -20.53
C GLU B 130 -2.48 8.74 -19.10
N ALA B 131 -3.18 7.75 -18.51
CA ALA B 131 -3.72 7.89 -17.17
C ALA B 131 -2.65 8.04 -16.08
N GLU B 132 -1.66 7.14 -16.09
CA GLU B 132 -0.59 7.20 -15.10
C GLU B 132 0.20 8.50 -15.17
N SER B 133 0.30 9.11 -16.35
CA SER B 133 1.03 10.37 -16.47
C SER B 133 0.24 11.49 -15.82
N ARG B 134 -0.99 11.19 -15.40
CA ARG B 134 -1.79 12.20 -14.75
C ARG B 134 -2.06 11.87 -13.30
N GLY B 135 -1.38 10.83 -12.80
CA GLY B 135 -1.57 10.46 -11.41
C GLY B 135 -2.77 9.56 -11.13
N PHE B 136 -3.34 8.99 -12.19
CA PHE B 136 -4.49 8.08 -12.04
C PHE B 136 -3.99 6.67 -12.35
N VAL B 137 -4.86 5.67 -12.15
CA VAL B 137 -4.56 4.26 -12.47
C VAL B 137 -5.82 3.62 -13.06
N ILE B 138 -5.69 2.53 -13.82
CA ILE B 138 -6.87 1.86 -14.34
C ILE B 138 -6.75 0.37 -14.13
N PHE B 139 -7.89 -0.28 -13.93
CA PHE B 139 -7.95 -1.72 -13.74
C PHE B 139 -9.41 -2.10 -13.88
N TYR B 140 -9.65 -3.40 -14.03
CA TYR B 140 -11.00 -3.92 -14.17
C TYR B 140 -11.38 -4.66 -12.93
N SER B 141 -12.60 -4.46 -12.47
CA SER B 141 -13.09 -5.19 -11.30
C SER B 141 -14.59 -5.06 -11.19
N GLY B 142 -15.25 -6.17 -10.89
CA GLY B 142 -16.69 -6.11 -10.75
C GLY B 142 -17.47 -5.95 -12.04
N TYR B 143 -18.04 -4.78 -12.27
CA TYR B 143 -18.85 -4.57 -13.46
C TYR B 143 -18.24 -3.68 -14.54
N SER B 144 -17.02 -3.19 -14.34
CA SER B 144 -16.41 -2.32 -15.35
C SER B 144 -14.94 -2.03 -15.07
N TRP B 145 -14.38 -1.16 -15.89
CA TRP B 145 -13.03 -0.71 -15.66
C TRP B 145 -13.20 0.46 -14.73
N HIS B 146 -12.15 0.77 -13.98
CA HIS B 146 -12.17 1.87 -13.04
C HIS B 146 -10.98 2.77 -13.25
N LEU B 147 -11.25 4.06 -13.35
CA LEU B 147 -10.24 5.11 -13.50
C LEU B 147 -10.19 5.74 -12.11
N MSE B 148 -9.13 5.42 -11.37
CA MSE B 148 -8.96 5.90 -10.00
C MSE B 148 -7.80 6.87 -9.83
O MSE B 148 -6.92 6.98 -10.67
CB MSE B 148 -8.68 4.70 -9.08
CG MSE B 148 -9.58 3.50 -9.30
SE MSE B 148 -11.42 3.86 -8.80
CE MSE B 148 -11.10 4.47 -7.01
N ASN B 149 -7.82 7.60 -8.71
CA ASN B 149 -6.72 8.48 -8.36
C ASN B 149 -5.75 7.53 -7.68
N ARG B 150 -4.45 7.75 -7.84
CA ARG B 150 -3.44 6.90 -7.23
C ARG B 150 -3.62 6.93 -5.71
N GLY B 151 -3.69 5.75 -5.10
CA GLY B 151 -3.84 5.67 -3.65
C GLY B 151 -5.28 5.60 -3.18
N GLU B 152 -6.20 5.62 -4.13
CA GLU B 152 -7.61 5.54 -3.80
C GLU B 152 -7.97 4.07 -3.85
N ASP B 153 -7.67 3.36 -2.77
CA ASP B 153 -7.93 1.93 -2.74
C ASP B 153 -8.42 1.37 -1.41
N LYS B 154 -8.58 0.06 -1.38
CA LYS B 154 -9.09 -0.55 -0.17
C LYS B 154 -8.17 -0.44 1.03
N ALA B 155 -6.88 -0.21 0.80
CA ALA B 155 -5.93 -0.06 1.91
C ALA B 155 -6.20 1.32 2.54
N PHE B 156 -6.55 2.28 1.71
CA PHE B 156 -6.86 3.61 2.18
C PHE B 156 -8.09 3.48 3.07
N ALA B 157 -9.04 2.68 2.63
CA ALA B 157 -10.26 2.48 3.39
C ALA B 157 -10.03 1.77 4.72
N VAL B 158 -9.25 0.68 4.71
CA VAL B 158 -9.03 -0.06 5.94
C VAL B 158 -8.28 0.81 6.96
N ASN B 159 -7.31 1.59 6.51
CA ASN B 159 -6.58 2.45 7.43
C ASN B 159 -7.55 3.45 8.07
N LYS B 160 -8.54 3.87 7.29
CA LYS B 160 -9.55 4.80 7.79
C LYS B 160 -10.34 4.10 8.91
N LEU B 161 -10.80 2.88 8.64
CA LEU B 161 -11.55 2.12 9.65
C LEU B 161 -10.73 1.96 10.92
N LYS B 162 -9.43 1.73 10.76
CA LYS B 162 -8.54 1.55 11.91
C LYS B 162 -8.64 2.75 12.83
N GLU B 163 -8.50 3.93 12.25
N GLU B 163 -8.48 3.94 12.25
CA GLU B 163 -8.57 5.16 13.02
CA GLU B 163 -8.56 5.18 12.99
C GLU B 163 -9.96 5.37 13.61
C GLU B 163 -9.95 5.40 13.60
N MSE B 164 -10.98 5.20 12.79
CA MSE B 164 -12.37 5.39 13.23
C MSE B 164 -12.74 4.56 14.44
O MSE B 164 -13.48 5.00 15.31
CB MSE B 164 -13.34 5.09 12.09
CG MSE B 164 -13.25 6.04 10.91
SE MSE B 164 -14.38 5.52 9.42
CE MSE B 164 -16.07 5.67 10.35
N TYR B 165 -12.20 3.35 14.51
CA TYR B 165 -12.50 2.45 15.61
C TYR B 165 -11.40 2.31 16.67
N SER B 166 -10.34 3.10 16.51
CA SER B 166 -9.21 3.08 17.45
C SER B 166 -8.76 1.65 17.69
N LEU B 167 -8.51 0.94 16.60
CA LEU B 167 -8.06 -0.44 16.71
C LEU B 167 -6.61 -0.57 16.30
N GLU B 168 -6.06 -1.74 16.59
CA GLU B 168 -4.70 -2.07 16.21
C GLU B 168 -4.95 -2.96 14.99
N TYR B 169 -3.98 -3.01 14.07
CA TYR B 169 -4.13 -3.84 12.87
C TYR B 169 -4.45 -5.29 13.16
N ASP B 170 -3.95 -5.78 14.29
CA ASP B 170 -4.19 -7.16 14.65
C ASP B 170 -5.62 -7.46 15.09
N GLU B 171 -6.42 -6.41 15.26
CA GLU B 171 -7.83 -6.55 15.67
C GLU B 171 -8.72 -6.45 14.44
N ILE B 172 -8.09 -6.36 13.27
CA ILE B 172 -8.83 -6.25 12.03
C ILE B 172 -8.61 -7.45 11.15
N LEU B 173 -9.69 -7.97 10.60
CA LEU B 173 -9.63 -9.11 9.71
C LEU B 173 -10.08 -8.65 8.33
N VAL B 174 -9.28 -8.95 7.31
CA VAL B 174 -9.70 -8.61 5.95
C VAL B 174 -9.98 -9.89 5.16
N ILE B 175 -11.01 -9.84 4.32
CA ILE B 175 -11.38 -10.95 3.45
C ILE B 175 -11.47 -10.44 2.00
N GLY B 176 -10.67 -11.04 1.13
CA GLY B 176 -10.63 -10.64 -0.27
C GLY B 176 -10.20 -11.81 -1.12
N ASP B 177 -10.20 -11.62 -2.44
CA ASP B 177 -9.84 -12.74 -3.31
C ASP B 177 -9.14 -12.38 -4.61
N SER B 178 -9.33 -11.17 -5.12
CA SER B 178 -8.70 -10.78 -6.37
C SER B 178 -7.56 -9.79 -6.21
N ASN B 179 -6.92 -9.47 -7.32
CA ASN B 179 -5.78 -8.57 -7.28
C ASN B 179 -6.04 -7.20 -6.71
N ASN B 180 -7.21 -6.63 -6.96
CA ASN B 180 -7.50 -5.30 -6.43
C ASN B 180 -7.84 -5.36 -4.95
N ASP B 181 -7.67 -6.54 -4.36
CA ASP B 181 -7.92 -6.73 -2.94
C ASP B 181 -6.58 -6.83 -2.23
N MSE B 182 -5.53 -7.11 -3.00
CA MSE B 182 -4.17 -7.25 -2.46
C MSE B 182 -3.74 -6.10 -1.55
O MSE B 182 -3.02 -6.30 -0.58
CB MSE B 182 -3.15 -7.40 -3.60
CG MSE B 182 -1.71 -7.54 -3.11
SE MSE B 182 -1.47 -9.00 -1.84
CE MSE B 182 -1.12 -10.44 -3.11
N PRO B 183 -4.18 -4.87 -1.86
CA PRO B 183 -3.76 -3.77 -0.98
C PRO B 183 -4.11 -3.97 0.49
N MSE B 184 -5.28 -4.55 0.80
CA MSE B 184 -5.65 -4.79 2.20
C MSE B 184 -4.71 -5.80 2.81
O MSE B 184 -4.38 -5.74 4.00
CB MSE B 184 -7.07 -5.34 2.33
CG MSE B 184 -8.14 -4.61 1.56
SE MSE B 184 -9.92 -5.05 2.20
CE MSE B 184 -10.04 -6.89 1.61
N PHE B 185 -4.29 -6.77 1.98
CA PHE B 185 -3.39 -7.84 2.42
C PHE B 185 -1.95 -7.39 2.62
N GLN B 186 -1.64 -6.16 2.24
CA GLN B 186 -0.29 -5.66 2.43
C GLN B 186 -0.17 -4.90 3.75
N LEU B 187 -1.30 -4.79 4.45
CA LEU B 187 -1.34 -4.13 5.77
C LEU B 187 -1.09 -5.23 6.82
N PRO B 188 -0.70 -4.83 8.05
CA PRO B 188 -0.41 -5.75 9.17
C PRO B 188 -1.65 -6.33 9.83
N VAL B 189 -2.73 -6.50 9.07
CA VAL B 189 -4.00 -7.04 9.61
C VAL B 189 -4.07 -8.55 9.50
N ARG B 190 -5.13 -9.13 10.06
CA ARG B 190 -5.36 -10.57 9.97
C ARG B 190 -5.96 -10.75 8.57
N LYS B 191 -5.58 -11.81 7.87
CA LYS B 191 -6.01 -12.05 6.50
C LYS B 191 -6.66 -13.41 6.20
N ALA B 192 -7.72 -13.39 5.40
CA ALA B 192 -8.42 -14.63 5.02
C ALA B 192 -8.98 -14.51 3.59
N CYS B 193 -9.18 -15.66 2.93
CA CYS B 193 -9.70 -15.67 1.57
C CYS B 193 -10.49 -16.94 1.23
N PRO B 194 -11.29 -16.90 0.16
CA PRO B 194 -12.06 -18.08 -0.23
C PRO B 194 -11.14 -19.12 -0.90
N ALA B 195 -11.66 -20.33 -1.11
CA ALA B 195 -10.87 -21.38 -1.73
C ALA B 195 -10.42 -21.03 -3.15
N ASN B 196 -11.14 -20.12 -3.82
CA ASN B 196 -10.77 -19.76 -5.18
C ASN B 196 -10.18 -18.38 -5.38
N ALA B 197 -9.48 -17.87 -4.35
CA ALA B 197 -8.83 -16.57 -4.43
C ALA B 197 -7.52 -16.77 -5.19
N THR B 198 -6.93 -15.69 -5.69
CA THR B 198 -5.67 -15.81 -6.43
C THR B 198 -4.61 -16.56 -5.65
N ASP B 199 -3.61 -17.06 -6.36
CA ASP B 199 -2.52 -17.76 -5.72
C ASP B 199 -1.74 -16.81 -4.80
N ASN B 200 -1.55 -15.57 -5.21
CA ASN B 200 -0.81 -14.64 -4.35
C ASN B 200 -1.55 -14.29 -3.05
N ILE B 201 -2.87 -14.09 -3.14
CA ILE B 201 -3.66 -13.79 -1.96
C ILE B 201 -3.57 -14.97 -1.00
N LYS B 202 -3.77 -16.18 -1.53
CA LYS B 202 -3.71 -17.38 -0.70
C LYS B 202 -2.44 -17.50 0.11
N ALA B 203 -1.31 -17.18 -0.54
CA ALA B 203 0.01 -17.28 0.08
C ALA B 203 0.26 -16.32 1.22
N VAL B 204 -0.46 -15.20 1.25
CA VAL B 204 -0.24 -14.26 2.34
C VAL B 204 -1.38 -14.27 3.35
N SER B 205 -2.37 -15.11 3.13
CA SER B 205 -3.51 -15.20 4.04
C SER B 205 -3.19 -16.08 5.25
N ASP B 206 -3.75 -15.72 6.41
CA ASP B 206 -3.54 -16.48 7.63
C ASP B 206 -4.44 -17.70 7.61
N PHE B 207 -5.60 -17.56 6.97
CA PHE B 207 -6.53 -18.68 6.88
C PHE B 207 -7.12 -18.71 5.49
N VAL B 208 -6.97 -19.85 4.81
CA VAL B 208 -7.50 -20.03 3.47
C VAL B 208 -8.69 -20.99 3.62
N SER B 209 -9.88 -20.55 3.24
CA SER B 209 -11.06 -21.40 3.37
C SER B 209 -11.10 -22.55 2.38
N ASP B 210 -11.90 -23.58 2.72
CA ASP B 210 -12.08 -24.73 1.85
C ASP B 210 -13.21 -24.40 0.88
N TYR B 211 -13.89 -23.29 1.13
CA TYR B 211 -15.02 -22.87 0.32
C TYR B 211 -14.92 -21.52 -0.39
N SER B 212 -15.89 -21.27 -1.26
CA SER B 212 -16.00 -20.05 -2.05
C SER B 212 -17.48 -19.71 -2.22
N TYR B 213 -17.75 -18.68 -3.00
CA TYR B 213 -19.13 -18.27 -3.30
C TYR B 213 -19.96 -17.99 -2.06
N GLY B 214 -19.35 -17.35 -1.07
CA GLY B 214 -20.06 -17.02 0.15
C GLY B 214 -19.94 -18.00 1.30
N GLU B 215 -19.75 -19.28 0.98
N GLU B 215 -19.75 -19.28 0.98
CA GLU B 215 -19.63 -20.30 2.00
CA GLU B 215 -19.62 -20.31 2.00
C GLU B 215 -18.38 -20.15 2.88
C GLU B 215 -18.37 -20.15 2.88
N GLU B 216 -17.38 -19.44 2.39
CA GLU B 216 -16.15 -19.24 3.15
C GLU B 216 -16.33 -18.28 4.34
N ILE B 217 -17.30 -17.36 4.25
CA ILE B 217 -17.52 -16.41 5.34
C ILE B 217 -17.81 -17.10 6.66
N GLY B 218 -18.68 -18.11 6.63
CA GLY B 218 -19.01 -18.84 7.84
C GLY B 218 -17.80 -19.58 8.38
N GLN B 219 -17.10 -20.29 7.50
CA GLN B 219 -15.92 -21.02 7.93
C GLN B 219 -14.88 -20.06 8.51
N ILE B 220 -14.61 -18.96 7.80
CA ILE B 220 -13.63 -17.97 8.25
C ILE B 220 -13.99 -17.41 9.64
N PHE B 221 -15.24 -16.99 9.82
CA PHE B 221 -15.66 -16.45 11.11
C PHE B 221 -15.49 -17.46 12.24
N LYS B 222 -15.87 -18.71 11.99
CA LYS B 222 -15.74 -19.74 13.01
C LYS B 222 -14.29 -19.89 13.39
N HIS B 223 -13.43 -19.99 12.38
CA HIS B 223 -12.00 -20.13 12.62
C HIS B 223 -11.46 -19.08 13.59
N PHE B 224 -11.96 -17.85 13.50
CA PHE B 224 -11.53 -16.75 14.37
C PHE B 224 -12.44 -16.53 15.58
N GLU B 225 -13.16 -17.57 16.00
CA GLU B 225 -14.09 -17.52 17.13
C GLU B 225 -15.06 -16.35 17.05
N LEU B 226 -15.59 -16.10 15.87
CA LEU B 226 -16.51 -14.98 15.69
C LEU B 226 -17.99 -15.37 15.61
N MSE B 227 -18.28 -16.66 15.77
CA MSE B 227 -19.67 -17.08 15.75
C MSE B 227 -19.97 -18.09 16.85
O MSE B 227 -19.04 -18.43 17.62
OXT MSE B 227 -21.15 -18.53 16.92
CB MSE B 227 -20.04 -17.67 14.39
CG MSE B 227 -20.08 -16.63 13.28
SE MSE B 227 -21.07 -17.29 11.76
CE MSE B 227 -19.83 -18.62 11.14
CA CA C . 13.89 4.28 -4.51
CA CA D . 18.16 7.79 -7.55
CA CA E . 20.90 -1.66 -0.05
CA CA F . -2.35 15.94 -1.07
CA CA G . -12.69 -9.22 -5.16
CA CA H . -17.21 -9.46 -12.75
#